data_6HY3
#
_entry.id   6HY3
#
_cell.length_a   60.604
_cell.length_b   101.498
_cell.length_c   46.693
_cell.angle_alpha   90.00
_cell.angle_beta   90.00
_cell.angle_gamma   90.00
#
_symmetry.space_group_name_H-M   'P 21 21 2'
#
loop_
_entity.id
_entity.type
_entity.pdbx_description
1 polymer 'Beta-agarase C'
2 non-polymer 'MAGNESIUM ION'
3 non-polymer GLYCEROL
4 non-polymer 1,2-ETHANEDIOL
5 water water
#
_entity_poly.entity_id   1
_entity_poly.type   'polypeptide(L)'
_entity_poly.pdbx_seq_one_letter_code
;MGSSHHHHHHGSTYDFTGNTPPPAPQGMKWVKISQLSDEFNNGFNTDKWTKSLWNYGVPVQMKAENSGVSDGKLWIKATL
GNDPERWFETSRVMSKAQVNYPMYTVSRIKGAHISAYNTFWLNNGNISNRNEIDVIENNSNPSCNCQPDFPWQMNSQYFH
VVNDDTKRNKGNFDNRELSDANPLKGVAWNEEYHTFGVWWKDATHIQFYLDGEPAGSVVSARDFTRELNIIWDLWTVDAD
WLGGLAKKEHLSNNNINTMKIDWIHTYQLVEE
;
_entity_poly.pdbx_strand_id   A
#
loop_
_chem_comp.id
_chem_comp.type
_chem_comp.name
_chem_comp.formula
EDO non-polymer 1,2-ETHANEDIOL 'C2 H6 O2'
GOL non-polymer GLYCEROL 'C3 H8 O3'
MG non-polymer 'MAGNESIUM ION' 'Mg 2'
#
# COMPACT_ATOMS: atom_id res chain seq x y z
N SER A 4 28.17 25.10 -2.68
CA SER A 4 28.62 23.69 -2.54
C SER A 4 28.29 22.93 -3.83
N HIS A 5 29.11 21.94 -4.14
CA HIS A 5 28.99 21.06 -5.34
C HIS A 5 28.14 19.82 -5.05
N HIS A 6 27.80 19.65 -3.78
CA HIS A 6 27.04 18.50 -3.24
C HIS A 6 25.56 18.54 -3.64
N HIS A 7 24.87 17.46 -3.33
CA HIS A 7 23.41 17.38 -3.50
C HIS A 7 22.79 17.36 -2.10
N HIS A 8 21.58 17.86 -1.99
CA HIS A 8 20.86 17.88 -0.69
C HIS A 8 20.69 16.47 -0.14
N HIS A 9 20.42 15.48 -0.99
CA HIS A 9 20.22 14.08 -0.52
C HIS A 9 21.50 13.44 0.02
N HIS A 10 22.68 13.99 -0.27
CA HIS A 10 23.93 13.45 0.32
C HIS A 10 23.99 13.67 1.84
N GLY A 11 23.22 14.60 2.39
CA GLY A 11 23.19 14.92 3.84
C GLY A 11 22.25 14.03 4.63
N SER A 12 21.65 13.02 4.02
CA SER A 12 20.77 12.10 4.75
C SER A 12 21.20 10.66 4.56
N THR A 13 21.05 9.84 5.59
CA THR A 13 21.24 8.40 5.49
C THR A 13 20.03 7.75 4.83
N TYR A 14 18.91 8.46 4.76
CA TYR A 14 17.70 7.94 4.10
C TYR A 14 17.83 8.06 2.60
N ASP A 15 17.29 7.08 1.87
CA ASP A 15 17.16 7.16 0.40
C ASP A 15 15.77 7.67 0.09
N PHE A 16 15.68 8.92 -0.32
CA PHE A 16 14.38 9.54 -0.57
C PHE A 16 13.67 8.90 -1.75
N THR A 17 14.37 8.17 -2.59
CA THR A 17 13.73 7.48 -3.73
C THR A 17 13.11 6.13 -3.35
N GLY A 18 13.40 5.67 -2.15
CA GLY A 18 12.82 4.41 -1.67
C GLY A 18 13.52 3.14 -2.14
N ASN A 19 14.67 3.29 -2.81
CA ASN A 19 15.39 2.16 -3.48
C ASN A 19 16.33 1.40 -2.54
N THR A 20 16.28 1.69 -1.25
CA THR A 20 17.24 1.08 -0.32
C THR A 20 16.43 0.55 0.85
N PRO A 21 16.72 -0.64 1.38
CA PRO A 21 16.02 -1.10 2.57
C PRO A 21 16.61 -0.39 3.80
N PRO A 22 16.07 -0.65 4.99
CA PRO A 22 16.63 -0.12 6.22
C PRO A 22 18.03 -0.71 6.50
N PRO A 23 18.80 -0.11 7.40
CA PRO A 23 20.15 -0.61 7.66
C PRO A 23 20.07 -2.05 8.16
N ALA A 24 20.91 -2.89 7.58
CA ALA A 24 20.96 -4.31 7.99
C ALA A 24 21.52 -4.36 9.40
N PRO A 25 20.86 -5.08 10.30
CA PRO A 25 21.43 -5.35 11.61
C PRO A 25 22.72 -6.17 11.49
N GLN A 26 23.57 -6.05 12.51
CA GLN A 26 24.85 -6.77 12.56
C GLN A 26 24.65 -8.28 12.34
N GLY A 27 25.45 -8.86 11.46
CA GLY A 27 25.38 -10.30 11.15
C GLY A 27 24.30 -10.67 10.16
N MET A 28 23.56 -9.69 9.67
CA MET A 28 22.45 -10.01 8.74
C MET A 28 22.66 -9.26 7.42
N LYS A 29 21.88 -9.66 6.43
CA LYS A 29 21.93 -9.00 5.12
C LYS A 29 20.55 -9.07 4.48
N TRP A 30 20.30 -8.13 3.60
CA TRP A 30 19.03 -8.14 2.84
C TRP A 30 19.25 -8.82 1.50
N VAL A 31 18.41 -9.77 1.21
CA VAL A 31 18.41 -10.42 -0.11
C VAL A 31 17.05 -10.26 -0.78
N LYS A 32 17.08 -10.14 -2.08
CA LYS A 32 15.76 -9.96 -2.83
CA LYS A 32 15.75 -9.97 -2.82
C LYS A 32 14.85 -11.24 -2.91
N ILE A 33 13.59 -11.05 -2.61
CA ILE A 33 12.62 -12.11 -2.92
C ILE A 33 12.10 -11.81 -4.32
N SER A 34 12.58 -12.55 -5.31
CA SER A 34 12.24 -12.20 -6.71
C SER A 34 10.75 -12.46 -7.00
N GLN A 35 10.11 -13.39 -6.31
CA GLN A 35 8.66 -13.72 -6.52
C GLN A 35 7.76 -12.61 -5.95
N LEU A 36 8.29 -11.70 -5.14
CA LEU A 36 7.52 -10.59 -4.53
C LEU A 36 8.10 -9.23 -4.99
N SER A 37 8.84 -9.24 -6.10
CA SER A 37 9.48 -8.01 -6.63
C SER A 37 9.09 -7.90 -8.09
N ASP A 38 8.85 -6.70 -8.58
CA ASP A 38 8.49 -6.51 -9.97
C ASP A 38 8.70 -5.05 -10.30
N GLU A 39 9.22 -4.77 -11.49
CA GLU A 39 9.30 -3.42 -12.10
C GLU A 39 8.12 -3.14 -13.03
N PHE A 40 7.30 -4.14 -13.29
CA PHE A 40 6.11 -4.00 -14.13
C PHE A 40 6.48 -3.53 -15.53
N ASN A 41 7.61 -3.99 -16.06
CA ASN A 41 8.08 -3.63 -17.41
C ASN A 41 7.81 -4.78 -18.36
N ASN A 42 7.32 -5.91 -17.89
CA ASN A 42 7.23 -7.16 -18.70
C ASN A 42 5.84 -7.75 -18.54
N GLY A 43 4.81 -6.94 -18.53
CA GLY A 43 3.42 -7.43 -18.43
C GLY A 43 3.07 -7.95 -17.05
N PHE A 44 1.87 -8.46 -16.95
CA PHE A 44 1.27 -9.01 -15.71
C PHE A 44 1.77 -10.43 -15.58
N ASN A 45 2.65 -10.69 -14.63
CA ASN A 45 3.35 -11.99 -14.51
C ASN A 45 2.51 -12.92 -13.66
N THR A 46 1.80 -13.86 -14.27
CA THR A 46 0.89 -14.76 -13.56
C THR A 46 1.63 -15.78 -12.70
N ASP A 47 2.95 -15.89 -12.79
CA ASP A 47 3.71 -16.76 -11.87
C ASP A 47 3.84 -16.06 -10.53
N LYS A 48 3.72 -14.72 -10.55
CA LYS A 48 3.88 -13.93 -9.29
C LYS A 48 2.58 -13.40 -8.72
N TRP A 49 1.65 -13.02 -9.57
CA TRP A 49 0.48 -12.18 -9.18
C TRP A 49 -0.79 -12.85 -9.66
N THR A 50 -1.86 -12.60 -8.96
CA THR A 50 -3.21 -13.09 -9.32
C THR A 50 -4.18 -11.97 -9.07
N LYS A 51 -5.26 -11.94 -9.83
CA LYS A 51 -6.39 -11.01 -9.59
C LYS A 51 -7.32 -11.73 -8.64
N SER A 52 -7.52 -11.18 -7.46
CA SER A 52 -8.33 -11.79 -6.40
C SER A 52 -9.61 -10.97 -6.34
N LEU A 53 -10.78 -11.57 -6.56
CA LEU A 53 -11.98 -10.75 -6.83
C LEU A 53 -13.10 -10.83 -5.79
N TRP A 54 -12.77 -11.18 -4.56
CA TRP A 54 -13.80 -11.09 -3.50
C TRP A 54 -14.19 -9.62 -3.31
N ASN A 55 -15.46 -9.39 -3.08
CA ASN A 55 -15.93 -8.00 -2.91
C ASN A 55 -15.86 -7.56 -1.46
N TYR A 56 -15.65 -6.25 -1.34
CA TYR A 56 -15.94 -5.51 -0.09
C TYR A 56 -17.46 -5.29 -0.10
N GLY A 57 -17.95 -4.45 0.80
CA GLY A 57 -19.39 -4.14 0.76
C GLY A 57 -19.79 -3.28 -0.44
N VAL A 58 -21.07 -3.10 -0.61
CA VAL A 58 -21.64 -2.21 -1.65
C VAL A 58 -20.94 -0.85 -1.51
N PRO A 59 -20.51 -0.19 -2.58
CA PRO A 59 -20.83 -0.53 -3.98
C PRO A 59 -19.75 -1.25 -4.78
N VAL A 60 -18.84 -1.90 -4.10
CA VAL A 60 -17.64 -2.49 -4.74
C VAL A 60 -17.99 -3.69 -5.62
N GLN A 61 -17.45 -3.68 -6.84
CA GLN A 61 -17.47 -4.84 -7.74
C GLN A 61 -16.06 -5.06 -8.29
N MET A 62 -15.43 -6.11 -7.78
CA MET A 62 -14.06 -6.45 -8.19
C MET A 62 -14.11 -7.19 -9.54
N LYS A 63 -13.31 -6.73 -10.47
CA LYS A 63 -13.30 -7.30 -11.84
C LYS A 63 -11.87 -7.47 -12.34
N ALA A 64 -11.63 -8.54 -13.06
CA ALA A 64 -10.28 -8.81 -13.60
C ALA A 64 -9.88 -7.75 -14.64
N GLU A 65 -10.83 -7.20 -15.39
CA GLU A 65 -10.49 -6.21 -16.45
C GLU A 65 -10.15 -4.82 -15.90
N ASN A 66 -10.33 -4.59 -14.60
CA ASN A 66 -10.03 -3.28 -13.96
C ASN A 66 -8.60 -3.22 -13.41
N SER A 67 -7.78 -4.22 -13.73
CA SER A 67 -6.33 -4.15 -13.41
C SER A 67 -5.53 -4.71 -14.57
N GLY A 68 -4.28 -4.30 -14.63
CA GLY A 68 -3.38 -4.76 -15.70
C GLY A 68 -2.03 -4.10 -15.56
N VAL A 69 -1.16 -4.41 -16.50
CA VAL A 69 0.18 -3.79 -16.52
C VAL A 69 0.33 -3.13 -17.88
N SER A 70 0.61 -1.86 -17.85
CA SER A 70 0.83 -0.99 -19.10
CA SER A 70 0.71 -0.89 -19.05
C SER A 70 1.71 0.30 -18.83
N ASP A 71 2.62 0.51 -19.75
CA ASP A 71 3.50 1.72 -19.68
C ASP A 71 4.33 1.69 -18.40
N GLY A 72 4.83 0.51 -18.01
CA GLY A 72 5.76 0.38 -16.87
C GLY A 72 5.06 0.41 -15.52
N LYS A 73 3.75 0.30 -15.48
CA LYS A 73 3.02 0.33 -14.19
C LYS A 73 2.03 -0.79 -14.09
N LEU A 74 1.84 -1.33 -12.91
CA LEU A 74 0.62 -2.06 -12.51
C LEU A 74 -0.44 -1.03 -12.23
N TRP A 75 -1.62 -1.22 -12.78
CA TRP A 75 -2.68 -0.21 -12.59
C TRP A 75 -3.94 -0.89 -12.10
N ILE A 76 -4.72 -0.13 -11.33
CA ILE A 76 -6.07 -0.52 -10.87
C ILE A 76 -6.95 0.68 -11.11
N LYS A 77 -8.00 0.48 -11.94
CA LYS A 77 -8.88 1.58 -12.38
C LYS A 77 -10.29 1.39 -11.83
N ALA A 78 -10.89 2.44 -11.35
CA ALA A 78 -12.31 2.46 -10.94
C ALA A 78 -13.15 2.97 -12.09
N THR A 79 -14.13 2.15 -12.48
CA THR A 79 -15.06 2.58 -13.57
C THR A 79 -16.49 2.39 -13.10
N LEU A 80 -17.42 3.00 -13.81
CA LEU A 80 -18.84 3.03 -13.41
C LEU A 80 -19.62 1.85 -13.98
N GLY A 81 -20.21 1.05 -13.16
CA GLY A 81 -21.09 -0.07 -13.53
C GLY A 81 -22.55 0.37 -13.54
N ASN A 82 -23.42 -0.53 -13.92
CA ASN A 82 -24.87 -0.16 -14.03
C ASN A 82 -25.71 -1.04 -13.14
N ASP A 83 -25.16 -1.60 -12.07
CA ASP A 83 -25.92 -2.23 -10.99
C ASP A 83 -26.06 -1.19 -9.89
N PRO A 84 -27.25 -0.81 -9.43
CA PRO A 84 -27.40 0.23 -8.42
C PRO A 84 -26.59 -0.05 -7.14
N GLU A 85 -26.34 -1.32 -6.85
CA GLU A 85 -25.61 -1.66 -5.60
C GLU A 85 -24.15 -2.05 -5.87
N ARG A 86 -23.74 -2.17 -7.10
CA ARG A 86 -22.34 -2.62 -7.35
C ARG A 86 -21.79 -1.76 -8.48
N TRP A 87 -21.88 -0.45 -8.34
CA TRP A 87 -21.49 0.47 -9.45
C TRP A 87 -20.00 0.85 -9.46
N PHE A 88 -19.30 0.56 -8.37
CA PHE A 88 -17.86 0.93 -8.30
C PHE A 88 -17.04 -0.26 -8.75
N GLU A 89 -16.81 -0.35 -10.06
CA GLU A 89 -16.02 -1.46 -10.64
C GLU A 89 -14.53 -1.16 -10.37
N THR A 90 -13.83 -2.14 -9.85
CA THR A 90 -12.43 -1.93 -9.39
C THR A 90 -11.73 -3.27 -9.46
N SER A 91 -10.54 -3.36 -8.89
CA SER A 91 -9.81 -4.64 -8.94
C SER A 91 -8.87 -4.77 -7.75
N ARG A 92 -8.22 -5.92 -7.66
CA ARG A 92 -7.31 -6.26 -6.58
C ARG A 92 -6.26 -7.16 -7.18
N VAL A 93 -5.01 -6.92 -6.85
CA VAL A 93 -3.87 -7.78 -7.28
C VAL A 93 -3.19 -8.28 -6.02
N MET A 94 -2.93 -9.57 -5.94
N MET A 94 -2.93 -9.57 -5.95
CA MET A 94 -2.23 -10.15 -4.79
CA MET A 94 -2.36 -10.27 -4.77
C MET A 94 -1.16 -11.14 -5.21
C MET A 94 -1.18 -11.15 -5.20
N SER A 95 -0.17 -11.27 -4.37
CA SER A 95 0.92 -12.21 -4.61
C SER A 95 0.40 -13.65 -4.49
N LYS A 96 1.01 -14.53 -5.27
CA LYS A 96 0.86 -15.99 -5.08
C LYS A 96 1.75 -16.47 -3.95
N ALA A 97 2.93 -15.90 -3.79
CA ALA A 97 3.85 -16.26 -2.69
C ALA A 97 3.47 -15.55 -1.40
N GLN A 98 3.81 -16.16 -0.30
CA GLN A 98 3.63 -15.54 1.02
C GLN A 98 4.99 -15.26 1.64
N VAL A 99 5.03 -14.33 2.58
CA VAL A 99 6.30 -13.88 3.20
C VAL A 99 6.16 -13.88 4.73
N ASN A 100 7.28 -14.06 5.40
CA ASN A 100 7.35 -14.02 6.85
C ASN A 100 8.42 -13.03 7.30
N TYR A 101 8.33 -12.63 8.56
CA TYR A 101 9.41 -11.80 9.13
C TYR A 101 10.70 -12.63 9.18
N PRO A 102 11.88 -12.04 9.27
CA PRO A 102 12.09 -10.59 9.16
C PRO A 102 12.19 -10.20 7.68
N MET A 103 11.45 -9.16 7.31
CA MET A 103 11.39 -8.79 5.88
C MET A 103 11.09 -7.30 5.73
N TYR A 104 11.33 -6.83 4.53
CA TYR A 104 11.03 -5.43 4.14
C TYR A 104 10.38 -5.46 2.76
N THR A 105 9.29 -4.72 2.61
CA THR A 105 8.70 -4.55 1.27
C THR A 105 8.40 -3.05 1.09
N VAL A 106 8.59 -2.57 -0.12
CA VAL A 106 8.30 -1.17 -0.45
C VAL A 106 7.72 -1.15 -1.85
N SER A 107 6.78 -0.25 -2.06
N SER A 107 6.68 -0.37 -2.05
CA SER A 107 6.13 -0.12 -3.37
CA SER A 107 6.19 -0.11 -3.42
C SER A 107 6.03 1.36 -3.70
C SER A 107 5.98 1.37 -3.70
N ARG A 108 6.13 1.68 -4.97
CA ARG A 108 6.06 3.05 -5.47
C ARG A 108 4.70 3.27 -6.08
N ILE A 109 3.90 4.14 -5.49
CA ILE A 109 2.45 4.26 -5.81
C ILE A 109 2.06 5.73 -6.01
N LYS A 110 1.28 5.98 -7.06
CA LYS A 110 0.59 7.28 -7.24
C LYS A 110 -0.90 6.96 -7.19
N GLY A 111 -1.61 7.52 -6.23
CA GLY A 111 -3.01 7.12 -6.01
C GLY A 111 -3.95 7.72 -7.04
N ALA A 112 -5.05 7.00 -7.21
CA ALA A 112 -6.27 7.52 -7.87
C ALA A 112 -6.78 8.69 -7.02
N HIS A 113 -7.14 9.79 -7.62
CA HIS A 113 -7.66 10.98 -6.96
C HIS A 113 -9.19 10.98 -6.92
N ILE A 114 -9.74 9.96 -6.30
CA ILE A 114 -11.19 9.78 -6.05
C ILE A 114 -11.35 9.39 -4.62
N SER A 115 -12.59 9.40 -4.12
CA SER A 115 -12.79 9.08 -2.68
C SER A 115 -12.80 7.56 -2.51
N ALA A 116 -11.61 7.03 -2.35
CA ALA A 116 -11.40 5.59 -2.24
C ALA A 116 -10.08 5.36 -1.52
N TYR A 117 -10.03 4.29 -0.77
CA TYR A 117 -8.71 3.87 -0.26
C TYR A 117 -7.91 3.20 -1.37
N ASN A 118 -6.73 3.74 -1.58
CA ASN A 118 -5.67 3.14 -2.43
C ASN A 118 -4.84 2.35 -1.41
N THR A 119 -4.72 1.04 -1.59
CA THR A 119 -4.14 0.21 -0.51
C THR A 119 -2.93 -0.62 -0.96
N PHE A 120 -2.10 -0.92 0.03
CA PHE A 120 -0.89 -1.77 -0.06
C PHE A 120 -0.85 -2.44 1.31
N TRP A 121 -1.06 -3.75 1.31
CA TRP A 121 -1.26 -4.45 2.59
C TRP A 121 -0.83 -5.89 2.47
N LEU A 122 -0.66 -6.50 3.62
CA LEU A 122 -0.20 -7.88 3.77
C LEU A 122 -1.22 -8.59 4.63
N ASN A 123 -1.62 -9.81 4.23
CA ASN A 123 -2.70 -10.49 4.96
C ASN A 123 -2.54 -12.00 4.87
N ASN A 124 -3.03 -12.65 5.90
CA ASN A 124 -3.38 -14.09 5.82
C ASN A 124 -4.55 -14.26 6.78
N GLY A 125 -5.71 -14.64 6.24
CA GLY A 125 -6.89 -14.92 7.08
C GLY A 125 -8.10 -14.15 6.65
N ASN A 126 -9.08 -14.19 7.55
CA ASN A 126 -10.44 -13.75 7.22
C ASN A 126 -10.97 -12.97 8.41
N ILE A 127 -12.26 -12.70 8.40
CA ILE A 127 -12.85 -11.76 9.39
C ILE A 127 -12.61 -12.24 10.81
N SER A 128 -12.60 -13.56 11.02
CA SER A 128 -12.56 -14.11 12.39
C SER A 128 -11.16 -14.48 12.87
N ASN A 129 -10.22 -14.71 11.94
CA ASN A 129 -8.84 -15.15 12.32
C ASN A 129 -7.89 -14.66 11.23
N ARG A 130 -7.02 -13.73 11.59
CA ARG A 130 -6.07 -13.18 10.59
C ARG A 130 -4.87 -12.54 11.28
N ASN A 131 -3.87 -12.35 10.43
CA ASN A 131 -2.69 -11.51 10.73
C ASN A 131 -2.60 -10.55 9.54
N GLU A 132 -2.53 -9.25 9.82
CA GLU A 132 -2.59 -8.27 8.71
C GLU A 132 -1.78 -7.02 9.06
N ILE A 133 -1.12 -6.49 8.05
CA ILE A 133 -0.37 -5.21 8.11
C ILE A 133 -0.86 -4.36 6.94
N ASP A 134 -1.41 -3.19 7.24
CA ASP A 134 -1.81 -2.26 6.19
C ASP A 134 -0.75 -1.15 6.10
N VAL A 135 0.00 -1.18 5.01
CA VAL A 135 1.06 -0.17 4.77
C VAL A 135 0.44 1.17 4.40
N ILE A 136 -0.50 1.16 3.47
CA ILE A 136 -1.34 2.35 3.17
C ILE A 136 -2.79 1.92 3.02
N GLU A 137 -3.64 2.86 3.43
CA GLU A 137 -5.03 3.01 3.00
C GLU A 137 -5.25 4.48 2.73
N ASN A 138 -4.79 4.94 1.58
CA ASN A 138 -4.63 6.39 1.35
C ASN A 138 -5.70 6.91 0.39
N ASN A 139 -6.32 8.00 0.77
CA ASN A 139 -7.39 8.67 -0.01
C ASN A 139 -7.05 10.15 -0.07
N SER A 140 -6.67 10.67 -1.24
CA SER A 140 -6.34 12.08 -1.43
C SER A 140 -7.54 12.96 -1.82
N ASN A 141 -8.70 12.36 -2.06
CA ASN A 141 -9.87 13.14 -2.55
C ASN A 141 -11.12 12.75 -1.78
N PRO A 142 -11.12 12.89 -0.45
CA PRO A 142 -12.29 12.51 0.31
C PRO A 142 -13.51 13.34 -0.12
N SER A 143 -14.65 12.67 -0.14
CA SER A 143 -15.94 13.34 -0.42
C SER A 143 -16.68 13.70 0.86
N CYS A 144 -16.23 13.26 2.02
CA CYS A 144 -17.06 13.36 3.25
C CYS A 144 -16.99 14.75 3.91
N ASN A 145 -16.13 15.67 3.52
CA ASN A 145 -15.99 16.98 4.21
C ASN A 145 -15.54 16.75 5.64
N CYS A 146 -14.79 15.68 5.91
CA CYS A 146 -14.50 15.27 7.28
C CYS A 146 -13.06 14.83 7.46
N GLN A 147 -12.24 14.84 6.41
CA GLN A 147 -10.85 14.32 6.51
C GLN A 147 -9.88 15.36 5.94
N PRO A 148 -9.70 16.49 6.63
CA PRO A 148 -8.84 17.58 6.11
C PRO A 148 -7.36 17.25 5.89
N ASP A 149 -6.84 16.23 6.58
CA ASP A 149 -5.41 15.88 6.44
C ASP A 149 -5.18 14.73 5.46
N PHE A 150 -6.26 14.12 4.95
CA PHE A 150 -6.17 12.90 4.10
C PHE A 150 -5.21 13.01 2.90
N PRO A 151 -5.10 14.14 2.16
CA PRO A 151 -4.15 14.22 1.05
C PRO A 151 -2.67 14.00 1.40
N TRP A 152 -2.30 14.21 2.65
CA TRP A 152 -0.90 14.05 3.12
C TRP A 152 -0.80 12.99 4.22
N GLN A 153 -1.91 12.38 4.61
CA GLN A 153 -1.91 11.42 5.73
C GLN A 153 -1.72 9.98 5.23
N MET A 154 -0.68 9.34 5.74
CA MET A 154 -0.40 7.90 5.45
C MET A 154 -1.11 7.09 6.49
N ASN A 155 -2.14 6.34 6.11
CA ASN A 155 -2.93 5.57 7.06
C ASN A 155 -2.35 4.17 7.06
N SER A 156 -1.73 3.81 8.19
CA SER A 156 -1.02 2.51 8.38
C SER A 156 -1.50 1.88 9.69
N GLN A 157 -1.63 0.57 9.71
CA GLN A 157 -2.11 -0.10 10.94
C GLN A 157 -1.81 -1.60 10.86
N TYR A 158 -2.13 -2.31 11.92
CA TYR A 158 -2.09 -3.79 11.90
C TYR A 158 -3.39 -4.30 12.51
N PHE A 159 -3.68 -5.55 12.15
CA PHE A 159 -4.75 -6.34 12.81
C PHE A 159 -4.21 -7.72 13.18
N HIS A 160 -4.56 -8.13 14.39
CA HIS A 160 -4.27 -9.50 14.86
C HIS A 160 -5.62 -10.00 15.41
N VAL A 161 -6.24 -10.91 14.69
CA VAL A 161 -7.62 -11.35 15.08
C VAL A 161 -7.58 -12.84 15.38
N VAL A 162 -8.08 -13.17 16.56
CA VAL A 162 -8.16 -14.59 17.02
C VAL A 162 -9.59 -14.85 17.47
N ASN A 163 -10.29 -15.71 16.76
CA ASN A 163 -11.69 -16.11 17.13
C ASN A 163 -12.55 -14.87 17.38
N ASP A 164 -12.52 -13.95 16.43
CA ASP A 164 -13.31 -12.68 16.45
C ASP A 164 -12.83 -11.68 17.50
N ASP A 165 -11.73 -11.92 18.19
CA ASP A 165 -11.18 -10.94 19.13
C ASP A 165 -10.11 -10.14 18.38
N THR A 166 -10.37 -8.85 18.14
CA THR A 166 -9.49 -8.00 17.30
C THR A 166 -8.53 -7.25 18.20
N LYS A 167 -7.24 -7.35 17.91
CA LYS A 167 -6.22 -6.39 18.33
C LYS A 167 -5.88 -5.55 17.11
N ARG A 168 -5.84 -4.24 17.27
CA ARG A 168 -5.65 -3.30 16.13
C ARG A 168 -4.99 -2.08 16.72
N ASN A 169 -4.03 -1.50 16.01
CA ASN A 169 -3.55 -0.15 16.35
C ASN A 169 -3.11 0.54 15.08
N LYS A 170 -3.33 1.84 15.02
CA LYS A 170 -2.84 2.67 13.93
C LYS A 170 -1.47 3.20 14.22
N GLY A 171 -0.69 3.35 13.16
CA GLY A 171 0.61 4.04 13.17
C GLY A 171 0.72 4.96 12.02
N ASN A 172 -0.18 5.92 11.95
CA ASN A 172 -0.27 6.84 10.81
C ASN A 172 0.95 7.78 10.80
N PHE A 173 1.16 8.40 9.67
CA PHE A 173 2.24 9.39 9.49
C PHE A 173 1.67 10.45 8.54
N ASP A 174 2.32 11.58 8.51
CA ASP A 174 1.90 12.64 7.57
C ASP A 174 3.12 13.03 6.76
N ASN A 175 2.97 13.22 5.46
CA ASN A 175 4.12 13.51 4.56
C ASN A 175 4.65 14.94 4.72
N ARG A 176 3.92 15.79 5.44
CA ARG A 176 4.40 17.14 5.82
C ARG A 176 5.40 17.04 6.98
N GLU A 177 5.58 15.86 7.59
CA GLU A 177 6.55 15.61 8.68
C GLU A 177 7.79 14.92 8.13
N LEU A 178 7.91 14.78 6.82
CA LEU A 178 9.18 14.28 6.23
C LEU A 178 10.24 15.38 6.44
N SER A 179 11.48 14.96 6.31
CA SER A 179 12.61 15.89 6.49
C SER A 179 12.60 17.00 5.43
N ASP A 180 13.15 18.14 5.82
CA ASP A 180 13.15 19.33 4.94
C ASP A 180 13.83 19.07 3.59
N ALA A 181 14.84 18.21 3.56
CA ALA A 181 15.57 17.89 2.30
C ALA A 181 14.78 16.95 1.37
N ASN A 182 13.72 16.32 1.90
CA ASN A 182 12.99 15.30 1.11
C ASN A 182 12.08 16.01 0.12
N PRO A 183 12.29 15.88 -1.20
CA PRO A 183 11.48 16.64 -2.15
C PRO A 183 10.01 16.26 -2.19
N LEU A 184 9.65 15.12 -1.58
CA LEU A 184 8.22 14.72 -1.52
C LEU A 184 7.51 15.22 -0.28
N LYS A 185 8.19 15.95 0.61
CA LYS A 185 7.55 16.58 1.77
C LYS A 185 6.39 17.47 1.33
N GLY A 186 5.19 17.22 1.85
CA GLY A 186 4.00 18.04 1.58
C GLY A 186 3.42 17.80 0.22
N VAL A 187 3.86 16.79 -0.54
CA VAL A 187 3.28 16.48 -1.87
C VAL A 187 2.14 15.48 -1.68
N ALA A 188 0.94 15.86 -2.11
CA ALA A 188 -0.24 15.03 -1.84
C ALA A 188 -0.11 13.72 -2.62
N TRP A 189 -0.88 12.71 -2.19
CA TRP A 189 -0.74 11.33 -2.74
C TRP A 189 -1.00 11.21 -4.25
N ASN A 190 -1.81 12.08 -4.80
CA ASN A 190 -2.20 12.04 -6.23
C ASN A 190 -1.23 12.87 -7.08
N GLU A 191 -0.39 13.67 -6.47
CA GLU A 191 0.42 14.63 -7.26
C GLU A 191 1.67 13.98 -7.84
N GLU A 192 2.25 13.03 -7.12
CA GLU A 192 3.49 12.36 -7.56
C GLU A 192 3.46 10.96 -6.96
N TYR A 193 4.31 10.10 -7.50
CA TYR A 193 4.53 8.78 -6.89
C TYR A 193 5.30 8.98 -5.58
N HIS A 194 4.87 8.27 -4.54
CA HIS A 194 5.60 8.14 -3.29
C HIS A 194 6.00 6.65 -3.14
N THR A 195 6.91 6.40 -2.21
CA THR A 195 7.23 5.02 -1.84
C THR A 195 6.77 4.78 -0.44
N PHE A 196 6.25 3.60 -0.20
CA PHE A 196 5.65 3.16 1.04
C PHE A 196 6.18 1.80 1.40
N GLY A 197 6.81 1.74 2.57
CA GLY A 197 7.47 0.50 3.02
C GLY A 197 7.10 0.03 4.37
N VAL A 198 7.44 -1.22 4.61
CA VAL A 198 7.27 -1.77 5.98
C VAL A 198 8.41 -2.75 6.25
N TRP A 199 9.05 -2.51 7.38
CA TRP A 199 10.00 -3.49 7.96
C TRP A 199 9.23 -4.27 9.03
N TRP A 200 8.89 -5.50 8.67
CA TRP A 200 8.22 -6.43 9.61
C TRP A 200 9.40 -7.15 10.28
N LYS A 201 9.75 -6.68 11.46
CA LYS A 201 11.06 -7.03 12.09
C LYS A 201 11.06 -8.40 12.76
N ASP A 202 9.96 -8.75 13.36
CA ASP A 202 9.84 -9.99 14.17
C ASP A 202 8.35 -10.29 14.33
N ALA A 203 7.99 -11.09 15.31
CA ALA A 203 6.56 -11.46 15.44
C ALA A 203 5.64 -10.30 15.86
N THR A 204 6.18 -9.24 16.41
CA THR A 204 5.30 -8.13 16.86
C THR A 204 5.70 -6.73 16.34
N HIS A 205 6.97 -6.51 16.05
CA HIS A 205 7.45 -5.12 15.74
C HIS A 205 7.34 -4.79 14.25
N ILE A 206 6.60 -3.73 13.95
CA ILE A 206 6.28 -3.32 12.55
C ILE A 206 6.61 -1.82 12.39
N GLN A 207 7.58 -1.55 11.55
CA GLN A 207 8.04 -0.16 11.30
C GLN A 207 7.70 0.24 9.87
N PHE A 208 6.87 1.25 9.73
CA PHE A 208 6.50 1.80 8.39
C PHE A 208 7.56 2.81 7.95
N TYR A 209 7.66 2.94 6.64
CA TYR A 209 8.57 3.89 5.96
C TYR A 209 7.78 4.63 4.87
N LEU A 210 8.17 5.88 4.70
CA LEU A 210 7.57 6.79 3.68
C LEU A 210 8.70 7.56 3.01
N ASP A 211 8.83 7.41 1.70
CA ASP A 211 9.83 8.19 0.90
C ASP A 211 11.22 8.08 1.55
N GLY A 212 11.55 6.88 1.97
CA GLY A 212 12.84 6.56 2.55
C GLY A 212 12.95 6.81 4.04
N GLU A 213 12.00 7.43 4.69
CA GLU A 213 12.14 7.87 6.10
C GLU A 213 11.29 6.99 6.99
N PRO A 214 11.71 6.73 8.24
CA PRO A 214 10.84 6.05 9.18
C PRO A 214 9.56 6.86 9.35
N ALA A 215 8.40 6.21 9.25
CA ALA A 215 7.08 6.81 9.37
C ALA A 215 6.49 6.39 10.71
N GLY A 216 5.27 5.86 10.72
CA GLY A 216 4.67 5.33 11.96
C GLY A 216 5.24 3.98 12.29
N SER A 217 4.83 3.42 13.44
CA SER A 217 5.23 2.06 13.85
C SER A 217 4.15 1.55 14.79
N VAL A 218 4.02 0.26 14.86
CA VAL A 218 3.09 -0.39 15.78
C VAL A 218 3.79 -1.64 16.33
N VAL A 219 3.26 -2.13 17.42
CA VAL A 219 3.68 -3.40 18.08
C VAL A 219 2.46 -4.26 18.22
N SER A 220 2.41 -5.37 17.54
CA SER A 220 1.25 -6.29 17.67
C SER A 220 1.11 -6.78 19.10
N ALA A 221 -0.11 -6.77 19.62
CA ALA A 221 -0.39 -7.22 20.99
C ALA A 221 -0.20 -8.72 21.07
N ARG A 222 -0.21 -9.43 19.96
CA ARG A 222 -0.01 -10.92 19.92
C ARG A 222 0.99 -11.23 18.83
N ASP A 223 1.76 -12.30 19.01
CA ASP A 223 2.71 -12.72 17.98
C ASP A 223 1.96 -13.01 16.70
N PHE A 224 2.50 -12.46 15.59
CA PHE A 224 2.14 -12.98 14.26
C PHE A 224 2.68 -14.42 14.11
N THR A 225 1.88 -15.24 13.48
CA THR A 225 2.22 -16.67 13.26
C THR A 225 2.03 -17.08 11.83
N ARG A 226 1.47 -16.26 10.97
CA ARG A 226 1.13 -16.60 9.61
C ARG A 226 2.10 -15.97 8.64
N GLU A 227 2.24 -16.58 7.48
CA GLU A 227 2.92 -16.00 6.33
C GLU A 227 1.90 -15.26 5.50
N LEU A 228 2.27 -14.09 5.01
CA LEU A 228 1.28 -13.13 4.45
C LEU A 228 1.41 -12.94 2.96
N ASN A 229 0.30 -12.76 2.29
CA ASN A 229 0.31 -12.37 0.87
C ASN A 229 0.38 -10.83 0.80
N ILE A 230 0.96 -10.34 -0.27
CA ILE A 230 1.04 -8.86 -0.52
C ILE A 230 -0.09 -8.50 -1.48
N ILE A 231 -0.78 -7.41 -1.17
CA ILE A 231 -2.03 -7.03 -1.88
C ILE A 231 -2.06 -5.53 -2.17
N TRP A 232 -2.59 -5.19 -3.34
CA TRP A 232 -3.05 -3.81 -3.62
C TRP A 232 -4.52 -3.87 -4.07
N ASP A 233 -5.30 -2.91 -3.63
CA ASP A 233 -6.69 -2.76 -4.12
C ASP A 233 -7.12 -1.31 -3.98
N LEU A 234 -8.29 -1.05 -4.55
CA LEU A 234 -8.85 0.33 -4.60
C LEU A 234 -10.34 0.15 -4.29
N TRP A 235 -10.79 0.77 -3.19
CA TRP A 235 -12.18 0.50 -2.78
C TRP A 235 -12.78 1.70 -2.08
N THR A 236 -14.11 1.71 -2.04
CA THR A 236 -14.86 2.81 -1.42
C THR A 236 -16.07 2.22 -0.68
N VAL A 237 -16.60 3.03 0.20
CA VAL A 237 -17.80 2.68 0.98
C VAL A 237 -18.33 3.96 1.55
N ASP A 238 -19.61 3.95 1.93
CA ASP A 238 -20.23 5.17 2.51
C ASP A 238 -19.92 5.22 4.00
N ALA A 239 -18.69 5.61 4.31
CA ALA A 239 -18.19 5.73 5.69
C ALA A 239 -17.21 6.87 5.78
N ASP A 240 -17.36 7.71 6.78
CA ASP A 240 -16.52 8.90 6.97
C ASP A 240 -15.08 8.47 7.27
N TRP A 241 -14.86 7.32 7.90
CA TRP A 241 -13.47 6.90 8.17
C TRP A 241 -12.72 6.52 6.89
N LEU A 242 -13.42 6.20 5.81
CA LEU A 242 -12.76 5.93 4.51
C LEU A 242 -12.55 7.24 3.78
N GLY A 243 -13.26 8.27 4.16
CA GLY A 243 -13.25 9.55 3.46
C GLY A 243 -14.51 9.84 2.69
N GLY A 244 -15.48 8.94 2.70
CA GLY A 244 -16.74 9.17 1.97
C GLY A 244 -16.83 8.36 0.68
N LEU A 245 -17.96 8.23 0.17
N LEU A 245 -17.99 8.03 0.22
CA LEU A 245 -18.19 7.45 -1.03
CA LEU A 245 -18.19 7.40 -1.11
C LEU A 245 -17.63 8.17 -2.26
C LEU A 245 -17.55 8.20 -2.23
N ALA A 246 -17.05 7.52 -3.11
CA ALA A 246 -16.53 8.04 -4.39
C ALA A 246 -17.66 8.69 -5.20
N LYS A 247 -17.32 9.78 -5.88
CA LYS A 247 -18.30 10.46 -6.76
C LYS A 247 -18.33 9.71 -8.10
N LYS A 248 -19.52 9.30 -8.52
CA LYS A 248 -19.67 8.55 -9.80
C LYS A 248 -19.11 9.33 -11.01
N GLU A 249 -19.24 10.65 -11.02
CA GLU A 249 -18.73 11.50 -12.13
C GLU A 249 -17.22 11.38 -12.30
N HIS A 250 -16.50 11.07 -11.22
CA HIS A 250 -15.02 10.96 -11.31
C HIS A 250 -14.60 9.68 -12.02
N LEU A 251 -15.48 8.68 -12.09
CA LEU A 251 -15.10 7.38 -12.67
C LEU A 251 -14.92 7.41 -14.20
N SER A 252 -15.37 8.47 -14.86
CA SER A 252 -15.22 8.63 -16.31
C SER A 252 -13.97 9.44 -16.60
N ASN A 253 -13.28 9.91 -15.57
CA ASN A 253 -12.08 10.77 -15.77
C ASN A 253 -10.84 9.90 -15.59
N ASN A 254 -10.17 9.58 -16.68
CA ASN A 254 -8.99 8.68 -16.73
C ASN A 254 -7.72 9.33 -16.16
N ASN A 255 -7.75 10.61 -15.84
CA ASN A 255 -6.64 11.34 -15.20
C ASN A 255 -6.69 11.13 -13.67
N ILE A 256 -7.84 10.74 -13.12
CA ILE A 256 -7.95 10.57 -11.65
C ILE A 256 -8.43 9.19 -11.22
N ASN A 257 -8.95 8.34 -12.08
CA ASN A 257 -9.67 7.14 -11.65
C ASN A 257 -8.74 5.93 -11.53
N THR A 258 -7.42 6.14 -11.67
CA THR A 258 -6.49 5.01 -11.78
C THR A 258 -5.37 5.09 -10.74
N MET A 259 -5.26 4.05 -9.95
CA MET A 259 -4.14 3.84 -9.02
C MET A 259 -3.00 3.24 -9.84
N LYS A 260 -1.77 3.72 -9.66
CA LYS A 260 -0.61 3.23 -10.44
C LYS A 260 0.52 2.86 -9.50
N ILE A 261 1.03 1.67 -9.74
CA ILE A 261 2.13 1.06 -8.94
C ILE A 261 3.32 0.88 -9.88
N ASP A 262 4.38 1.65 -9.70
CA ASP A 262 5.55 1.59 -10.61
C ASP A 262 6.34 0.31 -10.33
N TRP A 263 6.49 -0.06 -9.08
CA TRP A 263 7.33 -1.22 -8.73
C TRP A 263 7.06 -1.63 -7.32
N ILE A 264 7.51 -2.83 -7.01
CA ILE A 264 7.56 -3.38 -5.65
C ILE A 264 8.92 -4.04 -5.50
N HIS A 265 9.62 -3.77 -4.41
CA HIS A 265 10.87 -4.44 -4.02
C HIS A 265 10.65 -5.11 -2.69
N THR A 266 10.85 -6.42 -2.61
CA THR A 266 10.67 -7.15 -1.37
C THR A 266 11.94 -7.88 -1.05
N TYR A 267 12.31 -7.85 0.20
CA TYR A 267 13.60 -8.39 0.70
C TYR A 267 13.36 -9.24 1.93
N GLN A 268 14.11 -10.31 2.05
CA GLN A 268 14.20 -11.08 3.29
C GLN A 268 15.46 -10.66 4.01
N LEU A 269 15.40 -10.45 5.32
CA LEU A 269 16.62 -10.26 6.12
C LEU A 269 17.07 -11.66 6.54
N VAL A 270 18.30 -12.01 6.23
CA VAL A 270 18.86 -13.39 6.48
C VAL A 270 20.26 -13.24 7.07
N GLU A 271 20.77 -14.34 7.62
CA GLU A 271 22.16 -14.34 8.16
C GLU A 271 23.17 -14.15 7.03
N GLU A 272 24.17 -13.32 7.28
CA GLU A 272 25.25 -12.93 6.30
C GLU A 272 26.12 -14.14 5.91
MG MG B . 7.68 0.25 -13.34
C1 GOL C . -8.95 -4.28 3.74
O1 GOL C . -8.97 -5.57 4.32
C2 GOL C . -7.67 -3.66 4.23
O2 GOL C . -7.78 -3.20 5.59
C3 GOL C . -7.22 -2.56 3.31
O3 GOL C . -8.18 -1.50 3.15
C1 GOL D . 1.87 11.61 12.98
O1 GOL D . 2.84 11.91 11.97
C2 GOL D . 0.46 11.97 12.55
O2 GOL D . 0.39 13.32 12.04
C3 GOL D . -0.06 10.99 11.53
O3 GOL D . -1.32 11.35 10.98
C1 EDO E . 16.85 14.77 -3.59
O1 EDO E . 16.78 15.73 -2.54
C2 EDO E . 15.67 14.01 -3.84
O2 EDO E . 15.83 12.72 -3.55
C1 EDO F . -5.96 -12.38 1.94
O1 EDO F . -6.64 -12.24 0.70
C2 EDO F . -4.55 -12.82 1.96
O2 EDO F . -4.23 -14.19 1.90
#